data_6RCC
#
_entry.id   6RCC
#
_cell.length_a   90.090
_cell.length_b   90.090
_cell.length_c   58.030
_cell.angle_alpha   90.00
_cell.angle_beta   90.00
_cell.angle_gamma   90.00
#
_symmetry.space_group_name_H-M   'I 4 2 2'
#
loop_
_entity.id
_entity.type
_entity.pdbx_description
1 polymer 'Adhesin P1'
2 non-polymer 'SODIUM ION'
3 non-polymer 'CHLORIDE ION'
4 water water
#
_entity_poly.entity_id   1
_entity_poly.type   'polypeptide(L)'
_entity_poly.pdbx_seq_one_letter_code
;ISFKPGNQIDFNRLFTLPVTELFDPNTMFVYDQYVPLLVNLPSGFDQASIRLKVISYSVENQTLGVRLEFKDPQTQQFIP
VLNASSTGPQTVFQPFNQWAD
;
_entity_poly.pdbx_strand_id   X
#
loop_
_chem_comp.id
_chem_comp.type
_chem_comp.name
_chem_comp.formula
CL non-polymer 'CHLORIDE ION' 'Cl -1'
NA non-polymer 'SODIUM ION' 'Na 1'
#
# COMPACT_ATOMS: atom_id res chain seq x y z
N ILE A 1 40.38 -7.48 15.50
CA ILE A 1 40.82 -8.76 14.93
C ILE A 1 40.03 -9.11 13.65
N SER A 2 38.78 -9.58 13.78
CA SER A 2 37.96 -9.94 12.60
C SER A 2 36.74 -9.05 12.51
N PHE A 3 36.37 -8.69 11.28
CA PHE A 3 35.16 -7.93 10.98
C PHE A 3 33.96 -8.87 11.08
N LYS A 4 32.94 -8.46 11.83
CA LYS A 4 31.72 -9.27 11.99
C LYS A 4 30.59 -8.37 11.59
N PRO A 5 30.09 -8.47 10.36
CA PRO A 5 29.06 -7.53 9.93
C PRO A 5 27.76 -7.62 10.70
N GLY A 6 27.12 -6.48 10.86
CA GLY A 6 25.81 -6.41 11.47
C GLY A 6 24.72 -6.51 10.42
N ASN A 7 23.49 -6.27 10.85
N ASN A 7 23.48 -6.30 10.88
CA ASN A 7 22.35 -6.31 9.95
CA ASN A 7 22.29 -6.37 10.04
C ASN A 7 21.26 -5.36 10.39
C ASN A 7 21.28 -5.32 10.41
N GLN A 8 20.51 -4.89 9.41
CA GLN A 8 19.33 -4.05 9.57
C GLN A 8 18.25 -5.02 9.02
N ILE A 9 17.14 -5.22 9.75
CA ILE A 9 16.14 -6.19 9.35
C ILE A 9 15.17 -5.62 8.35
N ASP A 10 14.88 -6.35 7.31
CA ASP A 10 13.88 -5.91 6.37
C ASP A 10 12.51 -5.93 7.01
N PHE A 11 11.75 -4.86 6.80
CA PHE A 11 10.43 -4.76 7.39
C PHE A 11 9.53 -5.99 7.09
N ASN A 12 9.63 -6.58 5.89
N ASN A 12 9.60 -6.57 5.88
CA ASN A 12 8.79 -7.72 5.49
CA ASN A 12 8.80 -7.73 5.47
C ASN A 12 9.12 -9.03 6.22
C ASN A 12 9.02 -8.97 6.35
N ARG A 13 10.21 -9.06 6.98
CA ARG A 13 10.54 -10.21 7.82
C ARG A 13 9.77 -10.14 9.13
N LEU A 14 9.27 -8.93 9.50
CA LEU A 14 8.60 -8.71 10.77
C LEU A 14 7.12 -8.46 10.66
N PHE A 15 6.70 -7.94 9.51
CA PHE A 15 5.32 -7.50 9.39
C PHE A 15 4.60 -8.15 8.24
N THR A 16 3.38 -8.64 8.51
CA THR A 16 2.46 -9.16 7.51
C THR A 16 1.08 -8.88 8.06
N LEU A 17 0.07 -8.85 7.19
CA LEU A 17 -1.28 -8.59 7.61
C LEU A 17 -2.23 -9.20 6.62
N PRO A 18 -3.36 -9.76 7.10
CA PRO A 18 -4.43 -10.19 6.16
C PRO A 18 -4.88 -8.95 5.37
N VAL A 19 -5.23 -9.12 4.07
CA VAL A 19 -5.59 -7.94 3.27
C VAL A 19 -6.80 -7.18 3.81
N THR A 20 -7.73 -7.87 4.53
CA THR A 20 -8.92 -7.17 5.07
C THR A 20 -8.54 -6.16 6.15
N GLU A 21 -7.33 -6.27 6.73
N GLU A 21 -7.34 -6.28 6.73
CA GLU A 21 -6.90 -5.35 7.78
CA GLU A 21 -6.89 -5.36 7.77
C GLU A 21 -6.25 -4.08 7.18
C GLU A 21 -6.11 -4.17 7.19
N LEU A 22 -6.05 -4.04 5.85
CA LEU A 22 -5.34 -2.95 5.21
C LEU A 22 -6.16 -1.73 4.94
N PHE A 23 -7.50 -1.86 4.96
CA PHE A 23 -8.35 -0.75 4.59
C PHE A 23 -9.52 -0.58 5.50
N ASP A 24 -10.07 0.64 5.51
CA ASP A 24 -11.26 0.94 6.27
C ASP A 24 -12.42 0.24 5.57
N PRO A 25 -13.11 -0.71 6.27
CA PRO A 25 -14.15 -1.50 5.59
C PRO A 25 -15.40 -0.75 5.20
N ASN A 26 -15.55 0.49 5.71
CA ASN A 26 -16.74 1.26 5.35
C ASN A 26 -16.45 2.31 4.30
N THR A 27 -15.25 2.90 4.34
CA THR A 27 -14.89 3.89 3.32
C THR A 27 -14.20 3.25 2.12
N MET A 28 -13.56 2.09 2.33
CA MET A 28 -12.82 1.36 1.28
C MET A 28 -11.58 2.09 0.83
N PHE A 29 -10.96 2.87 1.72
CA PHE A 29 -9.67 3.48 1.44
C PHE A 29 -8.65 2.77 2.31
N VAL A 30 -7.48 2.51 1.76
CA VAL A 30 -6.39 1.91 2.54
C VAL A 30 -6.09 2.87 3.69
N TYR A 31 -5.81 2.32 4.90
CA TYR A 31 -5.48 3.16 6.05
C TYR A 31 -4.18 3.93 5.69
N ASP A 32 -4.10 5.18 6.10
CA ASP A 32 -2.96 6.03 5.81
C ASP A 32 -1.62 5.36 6.15
N GLN A 33 -1.55 4.65 7.30
CA GLN A 33 -0.30 4.07 7.76
C GLN A 33 0.23 2.99 6.83
N TYR A 34 -0.66 2.40 5.99
CA TYR A 34 -0.21 1.33 5.10
C TYR A 34 0.06 1.77 3.68
N VAL A 35 -0.27 3.02 3.30
CA VAL A 35 -0.03 3.48 1.93
C VAL A 35 1.46 3.34 1.55
N PRO A 36 2.44 3.73 2.41
CA PRO A 36 3.86 3.56 2.03
C PRO A 36 4.32 2.13 1.99
N LEU A 37 3.56 1.24 2.59
N LEU A 37 3.56 1.19 2.59
CA LEU A 37 3.91 -0.15 2.59
CA LEU A 37 3.92 -0.22 2.52
C LEU A 37 3.49 -0.80 1.26
C LEU A 37 3.56 -0.74 1.18
N LEU A 38 2.37 -0.37 0.69
CA LEU A 38 1.82 -0.89 -0.57
C LEU A 38 2.42 -0.27 -1.80
N VAL A 39 2.81 0.99 -1.70
CA VAL A 39 3.33 1.77 -2.81
CA VAL A 39 3.35 1.72 -2.82
C VAL A 39 4.74 2.21 -2.48
N ASN A 40 5.68 2.03 -3.43
CA ASN A 40 7.05 2.47 -3.27
C ASN A 40 7.08 3.96 -3.60
N LEU A 41 7.05 4.76 -2.55
CA LEU A 41 7.02 6.21 -2.68
C LEU A 41 8.37 6.80 -2.86
N PRO A 42 8.48 7.86 -3.67
CA PRO A 42 9.77 8.54 -3.77
C PRO A 42 10.15 9.14 -2.41
N SER A 43 11.46 9.21 -2.14
N SER A 43 11.47 9.24 -2.13
CA SER A 43 11.96 9.77 -0.89
CA SER A 43 11.97 9.80 -0.87
C SER A 43 11.42 11.19 -0.67
C SER A 43 11.47 11.22 -0.66
N GLY A 44 10.86 11.42 0.51
CA GLY A 44 10.31 12.70 0.90
C GLY A 44 8.91 12.99 0.42
N PHE A 45 8.29 12.06 -0.30
CA PHE A 45 6.93 12.33 -0.83
C PHE A 45 5.88 12.53 0.29
N ASP A 46 5.04 13.58 0.16
CA ASP A 46 3.98 14.00 1.12
C ASP A 46 2.75 13.13 0.86
N GLN A 47 2.59 12.11 1.68
CA GLN A 47 1.50 11.13 1.59
C GLN A 47 0.12 11.68 1.80
N ALA A 48 0.02 12.89 2.40
CA ALA A 48 -1.24 13.60 2.57
C ALA A 48 -1.82 13.97 1.19
N SER A 49 -0.97 13.96 0.12
CA SER A 49 -1.42 14.35 -1.20
C SER A 49 -2.01 13.19 -2.00
N ILE A 50 -2.05 11.97 -1.42
CA ILE A 50 -2.62 10.80 -2.13
C ILE A 50 -3.49 9.93 -1.23
N ARG A 51 -4.30 9.06 -1.85
CA ARG A 51 -5.03 8.02 -1.13
C ARG A 51 -5.27 6.86 -2.07
N LEU A 52 -5.48 5.68 -1.51
CA LEU A 52 -5.68 4.47 -2.32
C LEU A 52 -7.05 3.92 -2.10
N LYS A 53 -7.87 3.88 -3.13
CA LYS A 53 -9.20 3.33 -3.05
C LYS A 53 -9.13 1.84 -3.33
N VAL A 54 -9.72 1.05 -2.46
CA VAL A 54 -9.77 -0.41 -2.68
C VAL A 54 -11.02 -0.68 -3.51
N ILE A 55 -10.78 -1.17 -4.74
CA ILE A 55 -11.86 -1.48 -5.69
C ILE A 55 -12.24 -2.95 -5.55
N SER A 56 -11.23 -3.78 -5.26
CA SER A 56 -11.48 -5.20 -5.09
C SER A 56 -10.50 -5.71 -4.05
N TYR A 57 -10.86 -6.84 -3.41
CA TYR A 57 -9.91 -7.52 -2.54
C TYR A 57 -10.28 -9.01 -2.52
N SER A 58 -9.29 -9.88 -2.37
CA SER A 58 -9.56 -11.32 -2.34
C SER A 58 -8.98 -11.91 -1.08
N VAL A 59 -9.85 -12.50 -0.23
CA VAL A 59 -9.41 -13.18 0.98
C VAL A 59 -8.70 -14.48 0.59
N GLU A 60 -9.23 -15.19 -0.40
CA GLU A 60 -8.62 -16.45 -0.82
C GLU A 60 -7.20 -16.25 -1.36
N ASN A 61 -7.02 -15.21 -2.19
CA ASN A 61 -5.72 -14.98 -2.85
C ASN A 61 -4.86 -13.93 -2.17
N GLN A 62 -5.40 -13.27 -1.13
CA GLN A 62 -4.64 -12.23 -0.42
C GLN A 62 -4.15 -11.17 -1.38
N THR A 63 -5.08 -10.71 -2.23
CA THR A 63 -4.78 -9.63 -3.17
C THR A 63 -5.67 -8.43 -2.93
N LEU A 64 -5.23 -7.26 -3.41
CA LEU A 64 -6.00 -6.01 -3.37
C LEU A 64 -6.00 -5.44 -4.79
N GLY A 65 -7.11 -4.80 -5.18
CA GLY A 65 -7.22 -4.06 -6.43
C GLY A 65 -7.43 -2.63 -6.02
N VAL A 66 -6.50 -1.73 -6.38
CA VAL A 66 -6.57 -0.33 -5.94
C VAL A 66 -6.52 0.65 -7.09
N ARG A 67 -6.99 1.85 -6.79
CA ARG A 67 -7.00 3.02 -7.66
CA ARG A 67 -6.91 2.98 -7.69
C ARG A 67 -6.38 4.14 -6.85
N LEU A 68 -5.44 4.89 -7.41
N LEU A 68 -5.39 4.88 -7.38
CA LEU A 68 -4.83 6.02 -6.71
CA LEU A 68 -4.78 6.02 -6.69
C LEU A 68 -5.61 7.30 -7.00
C LEU A 68 -5.51 7.32 -7.01
N GLU A 69 -5.77 8.12 -5.97
CA GLU A 69 -6.38 9.45 -6.09
C GLU A 69 -5.36 10.41 -5.52
N PHE A 70 -5.31 11.61 -6.08
CA PHE A 70 -4.35 12.57 -5.56
C PHE A 70 -5.04 13.90 -5.34
N LYS A 71 -4.47 14.70 -4.47
CA LYS A 71 -5.03 16.00 -4.15
C LYS A 71 -4.65 17.04 -5.18
N ASP A 72 -5.64 17.65 -5.85
CA ASP A 72 -5.39 18.73 -6.81
C ASP A 72 -4.83 19.92 -5.99
N PRO A 73 -3.61 20.42 -6.32
CA PRO A 73 -3.01 21.49 -5.50
C PRO A 73 -3.81 22.78 -5.38
N GLN A 74 -4.68 23.07 -6.37
CA GLN A 74 -5.50 24.29 -6.41
C GLN A 74 -6.77 24.14 -5.58
N THR A 75 -7.64 23.19 -5.94
CA THR A 75 -8.93 22.97 -5.28
C THR A 75 -8.84 22.21 -3.95
N GLN A 76 -7.81 21.37 -3.79
CA GLN A 76 -7.61 20.51 -2.61
C GLN A 76 -8.62 19.36 -2.56
N GLN A 77 -9.18 19.03 -3.73
CA GLN A 77 -10.11 17.93 -3.94
C GLN A 77 -9.27 16.73 -4.40
N PHE A 78 -9.66 15.50 -3.98
CA PHE A 78 -8.99 14.29 -4.43
C PHE A 78 -9.58 13.93 -5.77
N ILE A 79 -8.71 13.71 -6.72
CA ILE A 79 -9.15 13.37 -8.06
C ILE A 79 -8.49 12.08 -8.54
N PRO A 80 -9.20 11.26 -9.35
CA PRO A 80 -8.56 10.04 -9.89
C PRO A 80 -7.50 10.38 -10.93
N VAL A 81 -6.58 9.44 -11.18
CA VAL A 81 -5.51 9.59 -12.17
C VAL A 81 -6.07 9.36 -13.59
N LEU A 82 -5.64 10.18 -14.57
CA LEU A 82 -6.06 10.13 -16.00
C LEU A 82 -7.55 10.34 -16.18
N SER A 86 -10.19 4.01 -14.82
CA SER A 86 -11.50 4.20 -15.44
C SER A 86 -12.64 3.78 -14.49
N THR A 87 -13.08 2.50 -14.56
CA THR A 87 -14.15 1.96 -13.69
C THR A 87 -13.62 0.91 -12.69
N GLY A 88 -12.55 0.21 -13.07
CA GLY A 88 -11.96 -0.85 -12.26
C GLY A 88 -10.66 -0.45 -11.57
N PRO A 89 -9.92 -1.44 -11.02
CA PRO A 89 -8.66 -1.11 -10.34
C PRO A 89 -7.55 -0.76 -11.32
N GLN A 90 -6.60 0.07 -10.91
CA GLN A 90 -5.44 0.37 -11.75
C GLN A 90 -4.50 -0.82 -11.65
N THR A 91 -4.43 -1.45 -10.46
CA THR A 91 -3.53 -2.58 -10.23
C THR A 91 -4.17 -3.59 -9.32
N VAL A 92 -3.87 -4.87 -9.54
CA VAL A 92 -4.31 -5.97 -8.68
C VAL A 92 -3.02 -6.66 -8.30
N PHE A 93 -2.74 -6.74 -6.99
CA PHE A 93 -1.48 -7.29 -6.53
C PHE A 93 -1.63 -7.98 -5.19
N GLN A 94 -0.59 -8.77 -4.83
CA GLN A 94 -0.57 -9.49 -3.56
C GLN A 94 0.41 -8.70 -2.68
N PRO A 95 -0.07 -7.94 -1.68
CA PRO A 95 0.84 -7.06 -0.93
C PRO A 95 1.98 -7.75 -0.18
N PHE A 96 1.68 -8.92 0.41
CA PHE A 96 2.67 -9.59 1.26
C PHE A 96 3.02 -10.96 0.76
N ASN A 97 4.22 -11.42 1.11
CA ASN A 97 4.63 -12.78 0.78
C ASN A 97 3.67 -13.74 1.49
N GLN A 98 3.36 -14.83 0.81
CA GLN A 98 2.49 -15.89 1.31
C GLN A 98 3.16 -17.21 1.16
N TRP A 99 2.77 -18.17 1.99
CA TRP A 99 3.26 -19.55 1.96
C TRP A 99 1.99 -20.35 1.89
N ALA A 100 1.63 -20.78 0.68
CA ALA A 100 0.33 -21.41 0.45
C ALA A 100 0.26 -22.26 -0.80
N ASP A 101 -0.97 -22.71 -1.12
CA ASP A 101 -1.39 -23.55 -2.25
C ASP A 101 -1.69 -22.69 -3.47
NA NA B . 12.26 8.93 3.58
CL CL C . -8.14 -11.34 4.81
#